data_7TPM
#
_entry.id   7TPM
#
_cell.length_a   122.136
_cell.length_b   122.136
_cell.length_c   122.136
_cell.angle_alpha   90.000
_cell.angle_beta   90.000
_cell.angle_gamma   90.000
#
_symmetry.space_group_name_H-M   'P 41 3 2'
#
loop_
_entity.id
_entity.type
_entity.pdbx_description
1 polymer 'Outer membrane lipoprotein carrier protein LolA'
2 non-polymer 2-{2-[2-(2-{2-[2-(2-ETHOXY-ETHOXY)-ETHOXY]-ETHOXY}-ETHOXY)-ETHOXY]-ETHOXY}-ETHANOL
3 non-polymer 'CHLORIDE ION'
4 non-polymer 'SODIUM ION'
5 water water
#
_entity_poly.entity_id   1
_entity_poly.type   'polypeptide(L)'
_entity_poly.pdbx_seq_one_letter_code
;MQISANQYFEGIYAKYQNIEDMQATINFTLKGLKQTGVLLYKFPDKFIINLDSNNQVFVSDGEFLTVYVPSLGTSFNQQL
LKGSSGGGLMKVLNSEYSVSYTNSPNLEDLDSSEPGKYIKLTFSRKLYKGAATINSFIIAFAPDGIIRRITAFPTSGGRE
IVIDLTAVKFNVGILDSKFKYDPPKSSNKVDNFLYDIKKNLEHHHHHH
;
_entity_poly.pdbx_strand_id   A
#
loop_
_chem_comp.id
_chem_comp.type
_chem_comp.name
_chem_comp.formula
CL non-polymer 'CHLORIDE ION' 'Cl -1'
NA non-polymer 'SODIUM ION' 'Na 1'
PE4 non-polymer 2-{2-[2-(2-{2-[2-(2-ETHOXY-ETHOXY)-ETHOXY]-ETHOXY}-ETHOXY)-ETHOXY]-ETHOXY}-ETHANOL 'C16 H34 O8'
#
# COMPACT_ATOMS: atom_id res chain seq x y z
N GLN A 2 17.97 -21.69 -2.44
CA GLN A 2 16.69 -20.98 -2.31
C GLN A 2 16.39 -20.71 -0.84
N ILE A 3 15.86 -19.51 -0.54
CA ILE A 3 15.47 -19.14 0.81
C ILE A 3 13.94 -19.13 0.88
N SER A 4 13.42 -19.18 2.11
CA SER A 4 11.99 -19.25 2.29
C SER A 4 11.33 -17.89 2.11
N ALA A 5 10.02 -17.89 1.88
CA ALA A 5 9.26 -16.64 1.81
C ALA A 5 9.43 -15.84 3.09
N ASN A 6 9.39 -16.51 4.24
CA ASN A 6 9.54 -15.78 5.50
C ASN A 6 10.91 -15.12 5.59
N GLN A 7 11.95 -15.79 5.08
CA GLN A 7 13.28 -15.18 5.15
C GLN A 7 13.39 -14.05 4.14
N TYR A 8 12.80 -14.22 2.96
CA TYR A 8 12.82 -13.13 1.99
C TYR A 8 12.14 -11.90 2.59
N PHE A 9 10.99 -12.10 3.23
CA PHE A 9 10.27 -10.95 3.77
C PHE A 9 10.98 -10.34 4.97
N GLU A 10 11.70 -11.16 5.76
CA GLU A 10 12.54 -10.59 6.82
C GLU A 10 13.49 -9.55 6.23
N GLY A 11 14.02 -9.84 5.04
CA GLY A 11 14.97 -8.93 4.44
C GLY A 11 14.31 -7.66 3.92
N ILE A 12 13.17 -7.80 3.24
CA ILE A 12 12.35 -6.65 2.91
C ILE A 12 12.06 -5.81 4.15
N TYR A 13 11.51 -6.44 5.18
CA TYR A 13 11.16 -5.72 6.40
C TYR A 13 12.32 -4.88 6.91
N ALA A 14 13.50 -5.49 6.98
CA ALA A 14 14.66 -4.78 7.51
C ALA A 14 15.04 -3.61 6.61
N LYS A 15 14.93 -3.80 5.29
CA LYS A 15 15.22 -2.71 4.36
C LYS A 15 14.35 -1.49 4.66
N TYR A 16 13.06 -1.73 4.89
CA TYR A 16 12.13 -0.60 5.02
C TYR A 16 12.14 0.00 6.41
N GLN A 17 12.80 -0.64 7.38
CA GLN A 17 12.92 0.00 8.68
C GLN A 17 14.04 1.02 8.72
N ASN A 18 14.88 1.09 7.70
CA ASN A 18 15.97 2.06 7.63
C ASN A 18 15.82 3.02 6.46
N ILE A 19 14.58 3.28 6.04
CA ILE A 19 14.29 4.25 5.00
C ILE A 19 13.43 5.33 5.61
N GLU A 20 13.75 6.58 5.31
CA GLU A 20 12.99 7.68 5.87
C GLU A 20 11.70 7.92 5.09
N ASP A 21 11.77 7.88 3.76
CA ASP A 21 10.60 8.18 2.94
C ASP A 21 10.78 7.60 1.55
N MET A 22 9.69 7.64 0.79
CA MET A 22 9.66 7.09 -0.56
C MET A 22 8.72 7.94 -1.40
N GLN A 23 9.17 8.22 -2.61
CA GLN A 23 8.39 8.92 -3.62
C GLN A 23 8.20 7.97 -4.79
N ALA A 24 7.01 7.99 -5.39
CA ALA A 24 6.81 7.12 -6.53
C ALA A 24 5.69 7.65 -7.40
N THR A 25 5.79 7.34 -8.68
CA THR A 25 4.65 7.45 -9.55
C THR A 25 3.71 6.30 -9.25
N ILE A 26 2.44 6.61 -9.05
CA ILE A 26 1.48 5.60 -8.60
C ILE A 26 0.31 5.59 -9.57
N ASN A 27 -0.07 4.38 -9.98
CA ASN A 27 -1.32 4.11 -10.68
C ASN A 27 -2.11 3.13 -9.83
N PHE A 28 -3.40 3.40 -9.63
CA PHE A 28 -4.19 2.47 -8.86
C PHE A 28 -5.64 2.53 -9.32
N THR A 29 -6.35 1.42 -9.08
CA THR A 29 -7.71 1.21 -9.55
C THR A 29 -8.65 1.22 -8.37
N LEU A 30 -9.64 2.11 -8.42
CA LEU A 30 -10.65 2.17 -7.38
C LEU A 30 -11.97 2.54 -8.02
N LYS A 31 -13.03 1.88 -7.56
CA LYS A 31 -14.39 2.17 -8.02
C LYS A 31 -14.47 2.13 -9.55
N GLY A 32 -13.72 1.22 -10.16
CA GLY A 32 -13.73 1.05 -11.61
C GLY A 32 -12.98 2.11 -12.39
N LEU A 33 -12.20 2.97 -11.72
CA LEU A 33 -11.45 4.02 -12.39
C LEU A 33 -9.97 3.90 -12.13
N LYS A 34 -9.20 4.30 -13.13
CA LYS A 34 -7.74 4.38 -13.04
C LYS A 34 -7.39 5.76 -12.49
N GLN A 35 -6.65 5.78 -11.40
CA GLN A 35 -6.16 7.02 -10.81
C GLN A 35 -4.65 7.03 -10.97
N THR A 36 -4.10 8.18 -11.31
CA THR A 36 -2.68 8.30 -11.62
C THR A 36 -2.13 9.54 -10.96
N GLY A 37 -0.99 9.40 -10.29
CA GLY A 37 -0.41 10.54 -9.63
C GLY A 37 0.93 10.23 -9.03
N VAL A 38 1.26 10.91 -7.93
CA VAL A 38 2.54 10.77 -7.25
C VAL A 38 2.30 10.47 -5.77
N LEU A 39 2.92 9.41 -5.29
CA LEU A 39 2.87 8.98 -3.90
C LEU A 39 4.08 9.53 -3.14
N LEU A 40 3.83 10.09 -1.97
CA LEU A 40 4.88 10.41 -1.00
C LEU A 40 4.56 9.64 0.28
N TYR A 41 5.41 8.67 0.63
CA TYR A 41 5.22 7.84 1.80
C TYR A 41 6.29 8.21 2.83
N LYS A 42 5.86 8.60 4.02
CA LYS A 42 6.77 8.95 5.11
C LYS A 42 6.74 7.78 6.10
N PHE A 43 7.82 7.03 6.18
CA PHE A 43 7.77 5.84 6.99
C PHE A 43 7.66 6.23 8.47
N PRO A 44 7.03 5.38 9.28
CA PRO A 44 6.57 4.03 8.88
C PRO A 44 5.19 3.98 8.23
N ASP A 45 4.35 5.01 8.45
CA ASP A 45 2.92 4.82 8.28
C ASP A 45 2.10 6.00 7.73
N LYS A 46 2.73 6.99 7.09
CA LYS A 46 2.01 8.17 6.60
C LYS A 46 2.15 8.29 5.09
N PHE A 47 1.08 8.72 4.40
CA PHE A 47 1.29 9.04 3.00
C PHE A 47 0.31 10.06 2.46
N ILE A 48 0.70 10.65 1.35
CA ILE A 48 -0.16 11.52 0.57
C ILE A 48 0.03 11.20 -0.89
N ILE A 49 -1.08 11.17 -1.62
CA ILE A 49 -1.09 10.98 -3.06
C ILE A 49 -1.73 12.21 -3.67
N ASN A 50 -1.00 12.87 -4.56
CA ASN A 50 -1.51 13.94 -5.42
C ASN A 50 -1.77 13.39 -6.81
N LEU A 51 -2.99 13.56 -7.30
CA LEU A 51 -3.34 13.06 -8.62
C LEU A 51 -2.98 14.04 -9.74
N ASP A 52 -2.63 13.48 -10.91
CA ASP A 52 -2.11 14.25 -12.04
C ASP A 52 -3.22 15.05 -12.74
N SER A 53 -4.34 14.40 -13.00
CA SER A 53 -5.38 14.92 -13.89
C SER A 53 -6.54 15.58 -13.18
N ASN A 54 -6.75 15.31 -11.89
CA ASN A 54 -7.82 15.97 -11.14
C ASN A 54 -7.26 16.47 -9.81
N ASN A 55 -8.06 17.24 -9.08
CA ASN A 55 -7.58 17.98 -7.92
C ASN A 55 -7.74 17.20 -6.60
N GLN A 56 -8.16 15.94 -6.65
CA GLN A 56 -8.35 15.20 -5.42
C GLN A 56 -7.01 14.79 -4.81
N VAL A 57 -7.01 14.66 -3.48
CA VAL A 57 -5.81 14.33 -2.74
C VAL A 57 -6.21 13.24 -1.75
N PHE A 58 -5.41 12.19 -1.69
CA PHE A 58 -5.59 11.05 -0.78
C PHE A 58 -4.52 11.14 0.31
N VAL A 59 -4.92 11.08 1.55
CA VAL A 59 -4.01 11.21 2.66
C VAL A 59 -4.28 10.12 3.69
N SER A 60 -3.21 9.52 4.22
CA SER A 60 -3.37 8.50 5.24
C SER A 60 -2.41 8.71 6.41
N ASP A 61 -2.94 8.51 7.62
CA ASP A 61 -2.09 8.49 8.81
C ASP A 61 -1.83 7.07 9.30
N GLY A 62 -2.13 6.07 8.47
CA GLY A 62 -2.02 4.67 8.88
C GLY A 62 -3.25 4.11 9.56
N GLU A 63 -4.17 4.96 9.97
CA GLU A 63 -5.45 4.51 10.51
C GLU A 63 -6.61 4.91 9.62
N PHE A 64 -6.61 6.16 9.14
CA PHE A 64 -7.70 6.68 8.32
C PHE A 64 -7.15 7.05 6.96
N LEU A 65 -7.99 6.90 5.96
CA LEU A 65 -7.70 7.33 4.60
C LEU A 65 -8.69 8.47 4.31
N THR A 66 -8.16 9.66 4.05
CA THR A 66 -8.97 10.85 3.81
C THR A 66 -8.82 11.22 2.35
N VAL A 67 -9.95 11.48 1.69
CA VAL A 67 -9.98 11.98 0.32
C VAL A 67 -10.50 13.40 0.34
N TYR A 68 -9.67 14.35 -0.09
CA TYR A 68 -10.05 15.73 -0.27
C TYR A 68 -10.67 15.94 -1.66
N VAL A 69 -11.80 16.63 -1.70
CA VAL A 69 -12.55 16.90 -2.93
C VAL A 69 -12.72 18.42 -3.01
N PRO A 70 -11.69 19.13 -3.49
CA PRO A 70 -11.72 20.59 -3.38
C PRO A 70 -12.77 21.23 -4.24
N SER A 71 -13.21 20.55 -5.30
CA SER A 71 -14.33 21.06 -6.08
C SER A 71 -15.62 21.12 -5.30
N LEU A 72 -15.70 20.43 -4.16
CA LEU A 72 -16.87 20.44 -3.31
C LEU A 72 -16.60 21.14 -2.00
N GLY A 73 -15.32 21.44 -1.71
CA GLY A 73 -14.94 22.14 -0.50
C GLY A 73 -14.88 21.30 0.74
N THR A 74 -14.72 19.99 0.61
CA THR A 74 -14.76 19.16 1.80
C THR A 74 -13.94 17.88 1.57
N SER A 75 -13.97 17.01 2.57
CA SER A 75 -13.21 15.76 2.53
C SER A 75 -14.06 14.65 3.15
N PHE A 76 -13.71 13.40 2.79
CA PHE A 76 -14.36 12.20 3.29
C PHE A 76 -13.28 11.24 3.79
N ASN A 77 -13.53 10.60 4.92
CA ASN A 77 -12.54 9.66 5.45
C ASN A 77 -13.20 8.35 5.85
N GLN A 78 -12.43 7.28 5.66
CA GLN A 78 -12.82 5.95 6.10
C GLN A 78 -11.62 5.33 6.77
N GLN A 79 -11.85 4.22 7.44
CA GLN A 79 -10.71 3.44 7.94
C GLN A 79 -9.91 2.87 6.77
N LEU A 80 -8.59 2.99 6.88
CA LEU A 80 -7.68 2.49 5.85
C LEU A 80 -7.80 0.98 5.74
N LEU A 81 -7.87 0.30 6.88
CA LEU A 81 -7.92 -1.16 6.89
C LEU A 81 -8.61 -1.57 8.19
N LYS A 82 -9.93 -1.45 8.18
CA LYS A 82 -10.73 -1.78 9.36
C LYS A 82 -10.43 -3.21 9.78
N GLY A 83 -10.17 -3.40 11.06
CA GLY A 83 -9.71 -4.67 11.60
C GLY A 83 -8.22 -4.72 11.87
N SER A 84 -7.44 -3.81 11.29
CA SER A 84 -6.01 -3.76 11.51
C SER A 84 -5.68 -2.89 12.70
N SER A 85 -4.53 -3.17 13.31
CA SER A 85 -3.97 -2.27 14.31
C SER A 85 -3.07 -1.20 13.74
N GLY A 86 -2.83 -1.21 12.44
CA GLY A 86 -2.09 -0.14 11.81
C GLY A 86 -0.61 -0.21 12.10
N GLY A 87 0.04 0.95 12.02
CA GLY A 87 1.48 1.05 12.16
C GLY A 87 2.21 1.10 10.85
N GLY A 88 1.51 1.12 9.73
CA GLY A 88 2.17 1.18 8.45
C GLY A 88 2.27 -0.17 7.79
N LEU A 89 2.54 -0.14 6.49
CA LEU A 89 2.45 -1.31 5.64
C LEU A 89 3.29 -2.48 6.16
N MET A 90 4.55 -2.22 6.50
CA MET A 90 5.46 -3.31 6.86
C MET A 90 5.06 -3.97 8.18
N LYS A 91 4.68 -3.16 9.17
CA LYS A 91 4.24 -3.73 10.44
C LYS A 91 2.96 -4.53 10.27
N VAL A 92 2.03 -4.03 9.45
CA VAL A 92 0.78 -4.75 9.21
C VAL A 92 1.07 -6.08 8.53
N LEU A 93 1.83 -6.06 7.44
CA LEU A 93 2.15 -7.30 6.74
C LEU A 93 2.87 -8.28 7.66
N ASN A 94 3.77 -7.76 8.48
CA ASN A 94 4.60 -8.59 9.33
C ASN A 94 3.80 -9.20 10.49
N SER A 95 2.78 -8.49 10.99
CA SER A 95 2.15 -8.92 12.22
C SER A 95 0.75 -9.49 12.03
N GLU A 96 0.05 -9.15 10.95
CA GLU A 96 -1.34 -9.57 10.79
C GLU A 96 -1.55 -10.50 9.60
N TYR A 97 -0.49 -10.88 8.89
CA TYR A 97 -0.56 -11.69 7.68
C TYR A 97 0.54 -12.75 7.74
N SER A 98 0.28 -13.90 7.14
CA SER A 98 1.32 -14.89 6.93
C SER A 98 1.73 -14.85 5.46
N VAL A 99 2.97 -15.22 5.18
CA VAL A 99 3.54 -14.96 3.86
C VAL A 99 3.97 -16.28 3.21
N SER A 100 3.81 -16.35 1.90
CA SER A 100 4.21 -17.48 1.08
C SER A 100 4.60 -16.92 -0.28
N TYR A 101 5.40 -17.67 -1.03
CA TYR A 101 5.61 -17.29 -2.43
C TYR A 101 4.34 -17.52 -3.20
N THR A 102 3.97 -16.54 -4.04
CA THR A 102 2.74 -16.63 -4.80
C THR A 102 2.77 -17.84 -5.72
N ASN A 103 3.89 -18.06 -6.40
CA ASN A 103 4.03 -19.21 -7.30
C ASN A 103 5.27 -20.02 -6.97
N SER A 104 6.42 -19.37 -6.80
CA SER A 104 7.67 -20.06 -6.51
C SER A 104 8.68 -19.10 -5.90
N PRO A 105 9.86 -19.61 -5.49
CA PRO A 105 10.92 -18.71 -5.01
C PRO A 105 11.71 -18.04 -6.11
N ASN A 106 11.38 -18.31 -7.36
CA ASN A 106 12.16 -17.86 -8.50
C ASN A 106 11.63 -16.54 -9.04
N LEU A 107 12.47 -15.90 -9.85
CA LEU A 107 12.16 -14.60 -10.45
C LEU A 107 11.16 -14.77 -11.58
N GLU A 108 10.06 -14.03 -11.51
CA GLU A 108 8.97 -14.28 -12.43
C GLU A 108 8.50 -12.99 -13.04
N ASP A 109 7.69 -13.16 -14.07
CA ASP A 109 6.98 -12.08 -14.69
C ASP A 109 5.98 -11.49 -13.70
N LEU A 110 5.65 -10.23 -13.90
CA LEU A 110 4.79 -9.53 -12.96
C LEU A 110 3.41 -10.15 -12.91
N ASP A 111 2.93 -10.65 -14.04
CA ASP A 111 1.56 -11.16 -14.15
C ASP A 111 1.44 -12.68 -14.16
N SER A 112 2.49 -13.42 -14.52
CA SER A 112 2.40 -14.87 -14.68
C SER A 112 3.53 -15.55 -13.90
N SER A 113 3.56 -16.88 -13.97
CA SER A 113 4.62 -17.65 -13.36
C SER A 113 5.79 -17.89 -14.31
N GLU A 114 5.76 -17.30 -15.51
CA GLU A 114 6.87 -17.38 -16.45
C GLU A 114 8.08 -16.63 -15.91
N PRO A 115 9.26 -16.93 -16.43
CA PRO A 115 10.47 -16.23 -15.97
C PRO A 115 10.34 -14.72 -16.12
N GLY A 116 10.92 -14.00 -15.17
CA GLY A 116 10.88 -12.55 -15.19
C GLY A 116 11.86 -11.97 -14.21
N LYS A 117 11.61 -10.75 -13.71
CA LYS A 117 12.53 -10.15 -12.77
C LYS A 117 12.00 -10.01 -11.36
N TYR A 118 10.79 -10.49 -11.06
CA TYR A 118 10.15 -10.20 -9.78
C TYR A 118 9.98 -11.40 -8.85
N ILE A 119 10.14 -11.13 -7.54
CA ILE A 119 9.72 -12.02 -6.47
C ILE A 119 8.31 -11.65 -6.06
N LYS A 120 7.41 -12.63 -6.01
CA LYS A 120 6.01 -12.35 -5.68
C LYS A 120 5.65 -13.06 -4.38
N LEU A 121 5.17 -12.29 -3.42
CA LEU A 121 4.78 -12.81 -2.12
C LEU A 121 3.27 -12.64 -1.95
N THR A 122 2.63 -13.67 -1.39
CA THR A 122 1.22 -13.64 -1.03
C THR A 122 1.14 -13.52 0.47
N PHE A 123 0.36 -12.57 0.93
CA PHE A 123 0.18 -12.27 2.34
C PHE A 123 -1.26 -12.62 2.67
N SER A 124 -1.46 -13.58 3.59
CA SER A 124 -2.78 -14.09 3.92
C SER A 124 -3.13 -13.70 5.34
N ARG A 125 -4.33 -13.15 5.52
CA ARG A 125 -4.70 -12.62 6.81
C ARG A 125 -4.66 -13.73 7.86
N LYS A 126 -4.06 -13.42 9.01
CA LYS A 126 -4.16 -14.26 10.22
C LYS A 126 -5.48 -13.94 10.91
N LEU A 127 -6.47 -14.80 10.74
CA LEU A 127 -7.79 -14.44 11.22
C LEU A 127 -7.88 -14.47 12.74
N TYR A 128 -6.90 -15.08 13.44
CA TYR A 128 -6.85 -14.92 14.89
C TYR A 128 -6.39 -13.54 15.31
N LYS A 129 -6.01 -12.69 14.35
CA LYS A 129 -5.79 -11.27 14.60
C LYS A 129 -6.99 -10.43 14.20
N GLY A 130 -8.12 -11.04 13.96
CA GLY A 130 -9.29 -10.31 13.52
C GLY A 130 -9.41 -10.34 12.01
N ALA A 131 -10.64 -10.31 11.54
CA ALA A 131 -10.90 -10.12 10.13
C ALA A 131 -10.63 -8.66 9.78
N ALA A 132 -10.34 -8.42 8.51
CA ALA A 132 -10.10 -7.06 8.05
C ALA A 132 -10.79 -6.89 6.70
N THR A 133 -10.84 -5.66 6.21
CA THR A 133 -11.51 -5.44 4.93
C THR A 133 -10.67 -5.95 3.76
N ILE A 134 -9.36 -6.13 3.95
CA ILE A 134 -8.49 -6.77 2.97
C ILE A 134 -7.96 -8.07 3.57
N ASN A 135 -8.36 -9.18 2.98
CA ASN A 135 -7.98 -10.52 3.43
C ASN A 135 -6.63 -10.97 2.89
N SER A 136 -6.16 -10.42 1.77
CA SER A 136 -4.89 -10.89 1.25
C SER A 136 -4.30 -9.83 0.34
N PHE A 137 -2.97 -9.85 0.23
CA PHE A 137 -2.24 -9.01 -0.71
C PHE A 137 -1.29 -9.89 -1.51
N ILE A 138 -1.08 -9.56 -2.78
CA ILE A 138 0.05 -10.11 -3.54
C ILE A 138 0.95 -8.93 -3.89
N ILE A 139 2.21 -9.01 -3.47
CA ILE A 139 3.17 -7.93 -3.68
C ILE A 139 4.35 -8.46 -4.50
N ALA A 140 4.67 -7.74 -5.56
CA ALA A 140 5.78 -8.04 -6.45
C ALA A 140 6.95 -7.10 -6.16
N PHE A 141 8.12 -7.67 -5.92
CA PHE A 141 9.33 -6.94 -5.55
C PHE A 141 10.38 -7.08 -6.65
N ALA A 142 10.92 -5.96 -7.05
CA ALA A 142 12.06 -5.95 -7.94
C ALA A 142 13.31 -6.29 -7.15
N PRO A 143 14.44 -6.50 -7.84
N PRO A 143 14.45 -6.45 -7.82
CA PRO A 143 15.56 -7.23 -7.19
CA PRO A 143 15.70 -6.61 -7.08
C PRO A 143 16.25 -6.48 -6.06
C PRO A 143 15.97 -5.37 -6.26
N ASP A 144 16.04 -5.17 -5.90
N ASP A 144 16.75 -5.57 -5.21
CA ASP A 144 16.63 -4.41 -4.81
CA ASP A 144 16.99 -4.57 -4.18
C ASP A 144 15.64 -4.22 -3.64
C ASP A 144 15.76 -4.36 -3.30
N GLY A 145 14.67 -5.11 -3.52
CA GLY A 145 13.56 -5.01 -2.58
C GLY A 145 12.61 -3.86 -2.85
N ILE A 146 12.63 -3.31 -4.05
CA ILE A 146 11.74 -2.22 -4.42
C ILE A 146 10.37 -2.77 -4.81
N ILE A 147 9.31 -2.17 -4.26
CA ILE A 147 7.95 -2.62 -4.57
C ILE A 147 7.57 -2.17 -5.97
N ARG A 148 7.13 -3.11 -6.79
CA ARG A 148 6.60 -2.79 -8.11
C ARG A 148 5.08 -2.81 -8.18
N ARG A 149 4.43 -3.77 -7.53
CA ARG A 149 2.98 -3.84 -7.59
C ARG A 149 2.44 -4.41 -6.29
N ILE A 150 1.34 -3.84 -5.85
CA ILE A 150 0.59 -4.35 -4.70
C ILE A 150 -0.81 -4.61 -5.18
N THR A 151 -1.27 -5.84 -5.06
CA THR A 151 -2.65 -6.18 -5.35
C THR A 151 -3.35 -6.55 -4.06
N ALA A 152 -4.46 -5.87 -3.78
CA ALA A 152 -5.23 -6.03 -2.54
C ALA A 152 -6.58 -6.63 -2.87
N PHE A 153 -6.90 -7.71 -2.16
CA PHE A 153 -8.11 -8.48 -2.42
C PHE A 153 -9.13 -8.21 -1.31
N PRO A 154 -10.19 -7.47 -1.60
CA PRO A 154 -11.17 -7.19 -0.55
C PRO A 154 -11.80 -8.47 -0.03
N THR A 155 -11.99 -8.52 1.28
CA THR A 155 -12.60 -9.69 1.91
C THR A 155 -14.01 -9.94 1.36
N SER A 156 -14.70 -8.89 0.96
CA SER A 156 -16.00 -9.02 0.31
C SER A 156 -15.98 -9.93 -0.91
N GLY A 157 -14.81 -10.19 -1.49
CA GLY A 157 -14.73 -10.85 -2.77
C GLY A 157 -14.91 -9.92 -3.95
N GLY A 158 -15.07 -8.62 -3.71
CA GLY A 158 -15.18 -7.64 -4.76
C GLY A 158 -13.88 -7.48 -5.54
N ARG A 159 -13.90 -6.50 -6.43
CA ARG A 159 -12.79 -6.31 -7.38
C ARG A 159 -11.51 -6.02 -6.62
N GLU A 160 -10.41 -6.63 -7.05
CA GLU A 160 -9.14 -6.34 -6.43
C GLU A 160 -8.71 -4.91 -6.75
N ILE A 161 -7.87 -4.40 -5.89
CA ILE A 161 -7.30 -3.07 -6.03
C ILE A 161 -5.84 -3.27 -6.43
N VAL A 162 -5.47 -2.77 -7.61
CA VAL A 162 -4.12 -2.95 -8.13
C VAL A 162 -3.41 -1.61 -8.06
N ILE A 163 -2.28 -1.61 -7.36
CA ILE A 163 -1.45 -0.43 -7.15
C ILE A 163 -0.11 -0.69 -7.84
N ASP A 164 0.21 0.13 -8.83
CA ASP A 164 1.48 0.06 -9.56
C ASP A 164 2.38 1.19 -9.10
N LEU A 165 3.62 0.86 -8.71
CA LEU A 165 4.59 1.87 -8.28
C LEU A 165 5.76 1.85 -9.25
N THR A 166 6.09 3.02 -9.78
CA THR A 166 7.21 3.16 -10.73
C THR A 166 8.02 4.37 -10.32
N ALA A 167 9.21 4.50 -10.90
CA ALA A 167 10.09 5.65 -10.59
C ALA A 167 10.27 5.83 -9.10
N VAL A 168 10.45 4.71 -8.39
CA VAL A 168 10.59 4.75 -6.95
C VAL A 168 11.91 5.42 -6.59
N LYS A 169 11.86 6.36 -5.67
CA LYS A 169 13.04 7.05 -5.16
C LYS A 169 12.93 7.11 -3.64
N PHE A 170 14.02 6.77 -2.96
CA PHE A 170 14.03 6.77 -1.50
C PHE A 170 14.71 8.03 -0.95
N ASN A 171 14.27 8.42 0.23
CA ASN A 171 14.87 9.51 0.99
C ASN A 171 14.96 10.79 0.15
N VAL A 172 13.80 11.30 -0.25
CA VAL A 172 13.75 12.54 -1.02
C VAL A 172 13.69 13.78 -0.14
N GLY A 173 13.37 13.64 1.15
CA GLY A 173 13.24 14.78 2.02
C GLY A 173 11.81 15.28 2.10
N ILE A 174 11.07 14.79 3.09
CA ILE A 174 9.70 15.20 3.36
C ILE A 174 9.65 15.77 4.76
N LEU A 175 9.38 17.08 4.89
CA LEU A 175 9.37 17.73 6.19
C LEU A 175 8.19 17.25 7.04
N ASP A 176 8.42 17.22 8.37
CA ASP A 176 7.39 16.71 9.28
C ASP A 176 6.23 17.68 9.44
N SER A 177 6.51 18.98 9.43
CA SER A 177 5.46 19.99 9.56
C SER A 177 4.65 20.14 8.28
N LYS A 178 5.26 19.89 7.14
CA LYS A 178 4.61 20.03 5.84
C LYS A 178 3.15 19.60 5.87
N PHE A 179 2.88 18.37 6.29
CA PHE A 179 1.61 17.73 6.03
C PHE A 179 0.88 17.38 7.33
N LYS A 180 -0.44 17.40 7.24
CA LYS A 180 -1.33 16.85 8.25
C LYS A 180 -1.98 15.60 7.65
N TYR A 181 -1.79 14.45 8.28
CA TYR A 181 -2.12 13.19 7.63
C TYR A 181 -3.42 12.58 8.14
N ASP A 182 -3.93 13.07 9.24
CA ASP A 182 -5.17 12.56 9.80
C ASP A 182 -6.36 13.40 9.35
N PRO A 183 -7.56 12.87 9.45
CA PRO A 183 -8.73 13.59 8.94
C PRO A 183 -8.93 14.87 9.71
N PRO A 184 -9.20 15.98 9.04
CA PRO A 184 -9.47 17.22 9.76
C PRO A 184 -10.82 17.16 10.47
N LYS A 185 -11.02 18.14 11.37
CA LYS A 185 -12.24 18.15 12.19
C LYS A 185 -13.50 18.24 11.33
N SER A 186 -13.43 18.98 10.24
CA SER A 186 -14.53 19.17 9.32
C SER A 186 -14.76 17.97 8.41
N SER A 187 -13.95 16.91 8.50
CA SER A 187 -14.09 15.82 7.55
C SER A 187 -15.32 14.99 7.86
N ASN A 188 -15.78 14.27 6.86
CA ASN A 188 -17.00 13.49 6.92
C ASN A 188 -16.67 12.02 6.93
N LYS A 189 -16.97 11.36 8.04
CA LYS A 189 -16.72 9.92 8.16
C LYS A 189 -17.70 9.18 7.26
N VAL A 190 -17.17 8.23 6.49
CA VAL A 190 -17.97 7.36 5.64
C VAL A 190 -17.55 5.93 5.92
N ASP A 191 -18.50 5.00 5.91
CA ASP A 191 -18.21 3.62 6.26
C ASP A 191 -17.09 3.04 5.38
N ASN A 192 -17.38 2.82 4.10
CA ASN A 192 -16.35 2.34 3.16
C ASN A 192 -16.81 2.82 1.80
N PHE A 193 -16.23 3.90 1.33
CA PHE A 193 -16.62 4.41 0.03
C PHE A 193 -15.62 4.05 -1.03
N LEU A 194 -14.55 3.33 -0.68
CA LEU A 194 -13.52 3.04 -1.66
C LEU A 194 -13.36 1.55 -1.96
N TYR A 195 -13.50 0.66 -0.99
CA TYR A 195 -13.27 -0.76 -1.30
C TYR A 195 -14.60 -1.45 -1.67
O1 PE4 B . 0.41 2.37 5.20
C1 PE4 B . -0.31 1.21 4.83
C2 PE4 B . -0.64 0.44 6.11
O2 PE4 B . -1.89 -0.27 6.05
C3 PE4 B . -1.98 -1.09 4.89
C4 PE4 B . -2.90 -0.38 3.89
O3 PE4 B . -3.05 -1.20 2.73
C5 PE4 B . -3.49 -0.48 1.58
C6 PE4 B . -4.92 -0.86 1.24
O4 PE4 B . -5.15 -0.48 -0.11
C7 PE4 B . -6.01 0.66 -0.19
C8 PE4 B . -5.79 1.40 -1.50
O5 PE4 B . -5.63 2.80 -1.23
C9 PE4 B . -5.22 3.52 -2.40
C10 PE4 B . -3.77 3.96 -2.30
O6 PE4 B . -2.98 3.14 -1.42
C11 PE4 B . -1.57 3.38 -1.52
C12 PE4 B . -0.78 2.47 -0.59
O7 PE4 B . 0.62 2.67 -0.85
C13 PE4 B . 1.48 1.93 0.03
C14 PE4 B . 2.85 1.74 -0.66
O8 PE4 B . 3.89 1.40 0.26
CL CL C . -8.77 20.24 11.51
CL CL D . -9.99 -11.02 6.07
CL CL E . -14.57 -1.36 -14.78
NA NA F . -3.80 17.30 -8.90
#